data_6YZA
#
_entry.id   6YZA
#
_cell.length_a   54.739
_cell.length_b   54.739
_cell.length_c   107.104
_cell.angle_alpha   90.000
_cell.angle_beta   90.000
_cell.angle_gamma   120.000
#
_symmetry.space_group_name_H-M   'P 31 2 1'
#
loop_
_entity.id
_entity.type
_entity.pdbx_description
1 polymer 'Cationic trypsin'
2 non-polymer 'CALCIUM ION'
3 non-polymer THIOPHENE-3-CARBOXIMIDAMIDE
4 non-polymer 'SULFATE ION'
5 non-polymer 1,2-ETHANEDIOL
6 water water
#
_entity_poly.entity_id   1
_entity_poly.type   'polypeptide(L)'
_entity_poly.pdbx_seq_one_letter_code
;IVGGYTCGANTVPYQVSLNSGYHFCGGSLINSQWVVSAAHCYKSGIQVRLGEDNINVVEGNEQFISASKSIVHPSYNSNT
LNNDIMLIKLKSAASLNSRVASISLPTSCASAGTQCLISGWGNTKSSGTSYPDVLKCLKAPILSDSSCKSAYPGQITSNM
FCAGYLEGGKDSCQGDSGGPVVCSGKLQGIVSWGSGCAQKNKPGVYTKVCNYVSWIKQTIASN
;
_entity_poly.pdbx_strand_id   A
#
loop_
_chem_comp.id
_chem_comp.type
_chem_comp.name
_chem_comp.formula
CA non-polymer 'CALCIUM ION' 'Ca 2'
EDO non-polymer 1,2-ETHANEDIOL 'C2 H6 O2'
SO4 non-polymer 'SULFATE ION' 'O4 S -2'
TP5 non-polymer THIOPHENE-3-CARBOXIMIDAMIDE 'C5 H6 N2 S'
#
# COMPACT_ATOMS: atom_id res chain seq x y z
N ILE A 1 -10.61 -3.04 1.10
CA ILE A 1 -11.16 -1.70 0.85
C ILE A 1 -12.64 -1.74 1.15
N VAL A 2 -13.10 -0.87 2.05
CA VAL A 2 -14.52 -0.75 2.39
C VAL A 2 -15.09 0.48 1.69
N GLY A 3 -16.24 0.32 1.04
CA GLY A 3 -16.90 1.45 0.41
C GLY A 3 -16.29 1.91 -0.90
N GLY A 4 -15.50 1.06 -1.53
CA GLY A 4 -14.86 1.39 -2.79
C GLY A 4 -15.59 0.77 -3.96
N TYR A 5 -14.84 0.56 -5.04
CA TYR A 5 -15.43 0.06 -6.28
C TYR A 5 -14.42 -0.87 -6.94
N THR A 6 -14.92 -1.72 -7.81
CA THR A 6 -14.05 -2.60 -8.59
C THR A 6 -13.22 -1.78 -9.56
N CYS A 7 -11.89 -1.85 -9.42
CA CYS A 7 -11.02 -1.01 -10.22
C CYS A 7 -11.21 -1.25 -11.71
N GLY A 8 -11.30 -2.52 -12.11
CA GLY A 8 -11.17 -2.92 -13.49
C GLY A 8 -9.80 -3.55 -13.68
N ALA A 9 -9.74 -4.61 -14.48
CA ALA A 9 -8.53 -5.41 -14.60
C ALA A 9 -7.36 -4.56 -15.08
N ASN A 10 -6.29 -4.56 -14.29
CA ASN A 10 -5.01 -3.98 -14.67
C ASN A 10 -5.05 -2.47 -14.83
N THR A 11 -6.05 -1.80 -14.23
CA THR A 11 -6.13 -0.34 -14.24
C THR A 11 -5.23 0.30 -13.19
N VAL A 12 -4.65 -0.48 -12.30
CA VAL A 12 -3.71 -0.01 -11.27
C VAL A 12 -2.44 -0.84 -11.49
N PRO A 13 -1.67 -0.59 -12.55
CA PRO A 13 -0.66 -1.58 -12.98
C PRO A 13 0.56 -1.66 -12.08
N TYR A 14 0.72 -0.73 -11.15
CA TYR A 14 1.79 -0.78 -10.16
C TYR A 14 1.40 -1.56 -8.91
N GLN A 15 0.13 -1.96 -8.77
CA GLN A 15 -0.31 -2.71 -7.60
C GLN A 15 0.18 -4.15 -7.70
N VAL A 16 0.86 -4.61 -6.65
CA VAL A 16 1.27 -6.01 -6.57
C VAL A 16 0.59 -6.66 -5.36
N SER A 17 0.50 -7.98 -5.42
CA SER A 17 0.06 -8.82 -4.32
C SER A 17 1.29 -9.56 -3.82
N LEU A 18 1.50 -9.56 -2.50
CA LEU A 18 2.53 -10.37 -1.87
C LEU A 18 1.92 -11.68 -1.43
N ASN A 19 2.51 -12.79 -1.87
CA ASN A 19 1.93 -14.12 -1.70
C ASN A 19 2.93 -15.03 -1.00
N SER A 20 2.49 -15.69 0.06
CA SER A 20 3.30 -16.71 0.75
C SER A 20 2.50 -17.99 0.87
N GLY A 21 1.89 -18.41 -0.24
CA GLY A 21 0.91 -19.47 -0.28
C GLY A 21 -0.51 -18.96 -0.38
N TYR A 22 -0.67 -17.65 -0.24
CA TYR A 22 -1.95 -16.94 -0.17
C TYR A 22 -1.56 -15.48 -0.19
N HIS A 23 -2.50 -14.63 -0.63
CA HIS A 23 -2.30 -13.19 -0.57
C HIS A 23 -2.31 -12.72 0.88
N PHE A 24 -1.32 -11.91 1.27
CA PHE A 24 -1.31 -11.38 2.64
C PHE A 24 -1.06 -9.88 2.74
N CYS A 25 -0.63 -9.22 1.67
CA CYS A 25 -0.35 -7.80 1.72
C CYS A 25 -0.27 -7.30 0.29
N GLY A 26 -0.44 -6.00 0.13
CA GLY A 26 -0.16 -5.33 -1.12
C GLY A 26 1.25 -4.77 -1.15
N GLY A 27 1.58 -4.17 -2.29
CA GLY A 27 2.84 -3.48 -2.49
C GLY A 27 2.73 -2.68 -3.76
N SER A 28 3.77 -1.89 -4.04
CA SER A 28 3.81 -1.02 -5.21
C SER A 28 5.13 -1.23 -5.95
N LEU A 29 5.05 -1.47 -7.26
CA LEU A 29 6.24 -1.60 -8.10
C LEU A 29 6.84 -0.22 -8.33
N ILE A 30 8.10 -0.02 -7.98
CA ILE A 30 8.74 1.28 -8.19
C ILE A 30 9.84 1.25 -9.26
N ASN A 31 10.35 0.07 -9.63
CA ASN A 31 11.09 -0.11 -10.87
C ASN A 31 11.04 -1.59 -11.19
N SER A 32 11.68 -2.00 -12.28
CA SER A 32 11.50 -3.38 -12.71
C SER A 32 11.98 -4.40 -11.68
N GLN A 33 12.80 -3.98 -10.72
CA GLN A 33 13.41 -4.91 -9.77
C GLN A 33 12.99 -4.69 -8.32
N TRP A 34 12.18 -3.70 -8.01
CA TRP A 34 11.95 -3.30 -6.63
C TRP A 34 10.49 -2.95 -6.37
N VAL A 35 10.02 -3.40 -5.21
CA VAL A 35 8.67 -3.16 -4.70
C VAL A 35 8.79 -2.48 -3.34
N VAL A 36 7.89 -1.52 -3.08
N VAL A 36 7.90 -1.55 -3.05
CA VAL A 36 7.71 -0.88 -1.79
CA VAL A 36 7.84 -0.96 -1.72
C VAL A 36 6.50 -1.51 -1.11
C VAL A 36 6.52 -1.35 -1.06
N SER A 37 6.61 -1.79 0.20
CA SER A 37 5.47 -2.29 0.96
C SER A 37 5.61 -1.77 2.40
N ALA A 38 4.77 -2.29 3.30
CA ALA A 38 4.84 -1.97 4.72
C ALA A 38 5.82 -2.91 5.42
N ALA A 39 6.61 -2.37 6.36
CA ALA A 39 7.47 -3.22 7.17
C ALA A 39 6.68 -4.28 7.93
N HIS A 40 5.45 -3.98 8.35
CA HIS A 40 4.72 -4.98 9.11
C HIS A 40 4.25 -6.13 8.23
N CYS A 41 4.44 -6.04 6.92
CA CYS A 41 4.22 -7.14 5.99
C CYS A 41 5.44 -8.04 5.83
N TYR A 42 6.53 -7.78 6.54
CA TYR A 42 7.73 -8.57 6.37
C TYR A 42 7.49 -10.03 6.70
N LYS A 43 8.01 -10.92 5.85
CA LYS A 43 8.20 -12.32 6.18
C LYS A 43 9.16 -12.87 5.15
N SER A 44 9.71 -14.05 5.45
CA SER A 44 10.57 -14.70 4.49
C SER A 44 9.73 -15.46 3.47
N GLY A 45 10.33 -15.76 2.32
CA GLY A 45 9.66 -16.56 1.31
C GLY A 45 8.53 -15.86 0.59
N ILE A 46 8.71 -14.58 0.28
CA ILE A 46 7.68 -13.82 -0.41
C ILE A 46 7.78 -14.07 -1.91
N GLN A 47 6.63 -14.31 -2.55
CA GLN A 47 6.50 -14.24 -4.00
C GLN A 47 5.70 -13.00 -4.35
N VAL A 48 6.23 -12.17 -5.22
CA VAL A 48 5.55 -10.98 -5.70
C VAL A 48 4.73 -11.35 -6.93
N ARG A 49 3.46 -10.98 -6.92
CA ARG A 49 2.55 -11.24 -8.03
C ARG A 49 2.13 -9.92 -8.66
N LEU A 50 2.53 -9.73 -9.92
CA LEU A 50 2.31 -8.53 -10.71
C LEU A 50 1.27 -8.85 -11.78
N GLY A 51 0.63 -7.79 -12.29
CA GLY A 51 -0.34 -7.98 -13.34
C GLY A 51 -1.63 -8.66 -12.91
N GLU A 52 -1.95 -8.65 -11.61
CA GLU A 52 -3.11 -9.36 -11.09
C GLU A 52 -4.37 -8.52 -11.17
N ASP A 53 -5.48 -9.20 -11.46
CA ASP A 53 -6.78 -8.64 -11.12
C ASP A 53 -7.50 -9.58 -10.16
N ASN A 54 -8.06 -10.69 -10.64
CA ASN A 54 -8.61 -11.70 -9.75
C ASN A 54 -7.43 -12.51 -9.20
N ILE A 55 -7.16 -12.39 -7.90
CA ILE A 55 -6.01 -13.10 -7.31
C ILE A 55 -6.23 -14.59 -7.17
N ASN A 56 -7.44 -15.08 -7.42
CA ASN A 56 -7.74 -16.50 -7.35
C ASN A 56 -7.81 -17.17 -8.72
N VAL A 57 -7.60 -16.43 -9.81
CA VAL A 57 -7.75 -16.96 -11.16
C VAL A 57 -6.58 -16.48 -12.01
N VAL A 58 -5.96 -17.38 -12.75
CA VAL A 58 -4.94 -16.99 -13.72
C VAL A 58 -5.66 -16.48 -14.97
N GLU A 59 -5.51 -15.18 -15.24
CA GLU A 59 -6.23 -14.53 -16.31
C GLU A 59 -5.37 -14.22 -17.53
N GLY A 60 -4.05 -14.30 -17.40
CA GLY A 60 -3.16 -14.26 -18.55
C GLY A 60 -2.16 -13.13 -18.56
N ASN A 61 -2.23 -12.17 -17.63
CA ASN A 61 -1.26 -11.08 -17.62
C ASN A 61 -0.37 -11.07 -16.39
N GLU A 62 -0.39 -12.14 -15.60
CA GLU A 62 0.39 -12.18 -14.37
C GLU A 62 1.87 -12.44 -14.63
N GLN A 63 2.69 -11.94 -13.70
CA GLN A 63 4.07 -12.37 -13.53
C GLN A 63 4.26 -12.68 -12.06
N PHE A 64 4.80 -13.86 -11.77
CA PHE A 64 5.06 -14.32 -10.41
C PHE A 64 6.59 -14.39 -10.26
N ILE A 65 7.14 -13.62 -9.32
CA ILE A 65 8.59 -13.50 -9.16
C ILE A 65 8.93 -13.55 -7.68
N SER A 66 9.83 -14.45 -7.30
CA SER A 66 10.23 -14.54 -5.90
C SER A 66 11.09 -13.34 -5.51
N ALA A 67 10.99 -12.95 -4.24
CA ALA A 67 11.88 -11.95 -3.68
C ALA A 67 13.25 -12.55 -3.42
N SER A 68 14.30 -11.79 -3.74
CA SER A 68 15.67 -12.18 -3.44
C SER A 68 16.18 -11.56 -2.15
N LYS A 69 15.61 -10.43 -1.72
CA LYS A 69 16.00 -9.76 -0.50
C LYS A 69 14.87 -8.86 -0.07
N SER A 70 14.77 -8.65 1.23
CA SER A 70 13.87 -7.67 1.83
C SER A 70 14.69 -6.77 2.73
N ILE A 71 14.35 -5.48 2.77
CA ILE A 71 15.03 -4.48 3.58
C ILE A 71 13.96 -3.70 4.33
N VAL A 72 13.82 -3.98 5.61
CA VAL A 72 12.95 -3.22 6.50
C VAL A 72 13.64 -1.92 6.91
N HIS A 73 12.87 -0.85 7.02
CA HIS A 73 13.47 0.44 7.37
C HIS A 73 14.29 0.33 8.66
N PRO A 74 15.47 0.96 8.73
CA PRO A 74 16.31 0.83 9.92
C PRO A 74 15.63 1.28 11.21
N SER A 75 14.66 2.19 11.13
CA SER A 75 14.02 2.75 12.31
C SER A 75 12.61 2.19 12.52
N TYR A 76 12.24 1.14 11.79
CA TYR A 76 10.90 0.58 11.97
C TYR A 76 10.70 0.13 13.41
N ASN A 77 9.58 0.54 14.00
CA ASN A 77 9.21 0.14 15.35
C ASN A 77 7.89 -0.63 15.26
N SER A 78 7.94 -1.94 15.49
CA SER A 78 6.74 -2.76 15.32
C SER A 78 5.69 -2.50 16.38
N ASN A 79 6.08 -1.94 17.54
CA ASN A 79 5.10 -1.61 18.57
C ASN A 79 4.20 -0.45 18.16
N THR A 80 4.76 0.59 17.55
CA THR A 80 4.04 1.82 17.22
C THR A 80 3.75 1.96 15.73
N LEU A 81 4.33 1.08 14.91
CA LEU A 81 4.32 1.16 13.44
C LEU A 81 4.96 2.43 12.90
N ASN A 82 5.79 3.12 13.69
CA ASN A 82 6.55 4.23 13.14
C ASN A 82 7.56 3.70 12.12
N ASN A 83 7.64 4.37 10.97
CA ASN A 83 8.53 3.97 9.86
C ASN A 83 8.11 2.63 9.25
N ASP A 84 6.81 2.49 8.96
CA ASP A 84 6.23 1.23 8.47
C ASP A 84 6.44 1.13 6.95
N ILE A 85 7.69 0.84 6.57
CA ILE A 85 8.08 0.79 5.16
C ILE A 85 9.19 -0.25 4.98
N MET A 86 9.11 -1.01 3.90
N MET A 86 9.16 -0.93 3.83
CA MET A 86 10.17 -1.92 3.53
CA MET A 86 10.06 -2.02 3.52
C MET A 86 10.31 -1.92 2.01
C MET A 86 10.23 -2.12 2.00
N LEU A 87 11.46 -2.41 1.56
CA LEU A 87 11.76 -2.62 0.16
C LEU A 87 11.95 -4.11 -0.10
N ILE A 88 11.48 -4.58 -1.26
CA ILE A 88 11.58 -5.98 -1.66
C ILE A 88 12.22 -5.99 -3.04
N LYS A 89 13.33 -6.71 -3.17
CA LYS A 89 13.97 -6.86 -4.47
C LYS A 89 13.51 -8.15 -5.14
N LEU A 90 13.23 -8.08 -6.43
CA LEU A 90 12.79 -9.24 -7.19
C LEU A 90 14.00 -10.02 -7.70
N LYS A 91 13.91 -11.35 -7.67
CA LYS A 91 15.03 -12.18 -8.09
C LYS A 91 15.35 -12.00 -9.58
N SER A 92 14.34 -11.67 -10.39
CA SER A 92 14.51 -11.33 -11.79
C SER A 92 13.67 -10.09 -12.07
N ALA A 93 14.11 -9.29 -13.02
CA ALA A 93 13.39 -8.07 -13.33
C ALA A 93 12.02 -8.42 -13.93
N ALA A 94 11.01 -7.68 -13.50
CA ALA A 94 9.70 -7.78 -14.14
C ALA A 94 9.78 -7.29 -15.58
N SER A 95 8.98 -7.89 -16.44
CA SER A 95 8.83 -7.42 -17.82
C SER A 95 7.78 -6.32 -17.80
N LEU A 96 8.20 -5.08 -18.04
CA LEU A 96 7.29 -3.96 -17.91
C LEU A 96 6.42 -3.83 -19.15
N ASN A 97 5.13 -3.62 -18.94
CA ASN A 97 4.17 -3.46 -20.04
C ASN A 97 3.01 -2.64 -19.50
N SER A 98 1.95 -2.49 -20.30
CA SER A 98 0.85 -1.62 -19.90
C SER A 98 0.14 -2.11 -18.65
N ARG A 99 0.21 -3.41 -18.34
CA ARG A 99 -0.44 -3.97 -17.17
C ARG A 99 0.52 -4.24 -16.01
N VAL A 100 1.82 -4.06 -16.21
CA VAL A 100 2.83 -4.22 -15.16
C VAL A 100 3.74 -3.00 -15.29
N ALA A 101 3.57 -2.02 -14.42
CA ALA A 101 4.22 -0.74 -14.61
C ALA A 101 4.59 -0.16 -13.26
N SER A 102 5.68 0.60 -13.23
CA SER A 102 6.12 1.22 -11.99
C SER A 102 5.38 2.52 -11.72
N ILE A 103 5.35 2.92 -10.45
CA ILE A 103 4.78 4.19 -10.01
C ILE A 103 5.92 5.09 -9.53
N SER A 104 5.87 6.36 -9.93
CA SER A 104 6.90 7.31 -9.55
C SER A 104 6.86 7.63 -8.05
N LEU A 105 8.04 7.86 -7.49
CA LEU A 105 8.17 8.35 -6.14
C LEU A 105 7.93 9.86 -6.05
N PRO A 106 7.50 10.35 -4.89
CA PRO A 106 7.29 11.78 -4.71
C PRO A 106 8.56 12.58 -4.90
N THR A 107 8.41 13.78 -5.44
CA THR A 107 9.46 14.78 -5.41
C THR A 107 9.28 15.77 -4.26
N SER A 108 8.12 15.75 -3.61
CA SER A 108 7.81 16.50 -2.40
C SER A 108 6.58 15.85 -1.78
N CYS A 109 6.23 16.29 -0.56
CA CYS A 109 5.04 15.77 0.10
C CYS A 109 3.81 16.37 -0.53
N ALA A 110 2.66 15.73 -0.29
CA ALA A 110 1.39 16.17 -0.83
C ALA A 110 0.60 16.92 0.23
N SER A 111 -0.28 17.80 -0.20
CA SER A 111 -1.04 18.66 0.69
C SER A 111 -2.31 17.99 1.19
N ALA A 112 -2.75 18.41 2.38
CA ALA A 112 -4.08 18.03 2.83
C ALA A 112 -5.09 18.45 1.78
N GLY A 113 -6.12 17.62 1.58
CA GLY A 113 -7.14 17.88 0.60
C GLY A 113 -6.86 17.29 -0.78
N THR A 114 -5.62 16.93 -1.07
CA THR A 114 -5.31 16.27 -2.33
C THR A 114 -6.01 14.92 -2.38
N GLN A 115 -6.59 14.62 -3.53
CA GLN A 115 -7.29 13.36 -3.72
C GLN A 115 -6.30 12.28 -4.12
N CYS A 116 -6.49 11.08 -3.57
CA CYS A 116 -5.59 9.96 -3.80
C CYS A 116 -6.41 8.72 -4.15
N LEU A 117 -5.74 7.77 -4.79
CA LEU A 117 -6.30 6.48 -5.11
C LEU A 117 -5.64 5.44 -4.21
N ILE A 118 -6.47 4.72 -3.44
CA ILE A 118 -6.04 3.66 -2.54
C ILE A 118 -6.62 2.36 -3.06
N SER A 119 -5.82 1.29 -3.07
CA SER A 119 -6.27 0.06 -3.72
C SER A 119 -5.78 -1.17 -2.96
N GLY A 120 -6.52 -2.27 -3.11
CA GLY A 120 -6.11 -3.53 -2.53
C GLY A 120 -7.19 -4.60 -2.58
N TRP A 121 -6.77 -5.78 -2.11
CA TRP A 121 -7.61 -6.97 -2.05
C TRP A 121 -8.08 -7.30 -0.63
N GLY A 122 -8.07 -6.32 0.28
CA GLY A 122 -8.46 -6.55 1.65
C GLY A 122 -9.96 -6.62 1.85
N ASN A 123 -10.33 -6.82 3.11
CA ASN A 123 -11.72 -6.93 3.53
C ASN A 123 -12.53 -5.73 3.05
N THR A 124 -13.74 -6.02 2.57
CA THR A 124 -14.68 -4.99 2.10
C THR A 124 -15.78 -4.68 3.10
N LYS A 125 -15.78 -5.29 4.28
CA LYS A 125 -16.83 -5.05 5.27
C LYS A 125 -16.27 -4.37 6.51
N SER A 126 -17.01 -3.39 7.05
CA SER A 126 -16.59 -2.71 8.28
C SER A 126 -17.01 -3.46 9.53
N SER A 127 -17.96 -4.39 9.42
CA SER A 127 -18.30 -5.32 10.49
C SER A 127 -18.45 -6.68 9.85
N GLY A 128 -17.59 -7.61 10.21
CA GLY A 128 -17.54 -8.90 9.56
C GLY A 128 -16.42 -8.98 8.56
N THR A 129 -16.52 -9.98 7.69
CA THR A 129 -15.42 -10.33 6.80
C THR A 129 -15.94 -10.79 5.44
N SER A 130 -15.47 -10.13 4.38
CA SER A 130 -15.67 -10.60 3.02
C SER A 130 -14.49 -10.13 2.19
N TYR A 131 -13.80 -11.08 1.59
CA TYR A 131 -12.63 -10.75 0.79
C TYR A 131 -12.98 -10.83 -0.69
N PRO A 132 -12.67 -9.78 -1.43
N PRO A 132 -12.56 -9.85 -1.54
CA PRO A 132 -12.91 -9.78 -2.86
CA PRO A 132 -13.22 -9.64 -2.85
C PRO A 132 -11.80 -10.57 -3.53
C PRO A 132 -12.67 -10.36 -4.09
N ASP A 133 -12.12 -11.14 -4.67
N ASP A 133 -11.45 -10.87 -4.05
CA ASP A 133 -11.08 -11.76 -5.47
CA ASP A 133 -10.85 -11.55 -5.19
C ASP A 133 -10.48 -10.79 -6.48
C ASP A 133 -10.34 -10.60 -6.28
N VAL A 134 -11.20 -9.73 -6.83
CA VAL A 134 -10.73 -8.71 -7.78
C VAL A 134 -10.30 -7.44 -7.02
N LEU A 135 -9.45 -6.64 -7.66
CA LEU A 135 -8.89 -5.48 -6.99
C LEU A 135 -9.94 -4.40 -6.78
N LYS A 136 -9.95 -3.83 -5.58
CA LYS A 136 -10.84 -2.74 -5.22
C LYS A 136 -10.05 -1.44 -5.09
N CYS A 137 -10.77 -0.35 -5.36
CA CYS A 137 -10.23 0.99 -5.43
C CYS A 137 -11.08 1.93 -4.59
N LEU A 138 -10.43 2.97 -4.05
CA LEU A 138 -11.10 4.01 -3.29
C LEU A 138 -10.42 5.35 -3.57
N LYS A 139 -11.21 6.35 -3.94
CA LYS A 139 -10.73 7.73 -4.01
C LYS A 139 -10.96 8.38 -2.65
N ALA A 140 -9.90 8.99 -2.10
CA ALA A 140 -10.03 9.59 -0.77
C ALA A 140 -9.03 10.72 -0.61
N PRO A 141 -9.40 11.77 0.13
CA PRO A 141 -8.49 12.90 0.34
C PRO A 141 -7.57 12.71 1.52
N ILE A 142 -6.37 13.30 1.41
CA ILE A 142 -5.49 13.45 2.56
C ILE A 142 -6.17 14.37 3.56
N LEU A 143 -6.18 13.95 4.83
CA LEU A 143 -6.76 14.73 5.92
C LEU A 143 -5.70 15.59 6.60
N SER A 144 -6.15 16.68 7.22
CA SER A 144 -5.26 17.56 7.97
C SER A 144 -4.54 16.78 9.07
N ASP A 145 -3.31 17.21 9.35
CA ASP A 145 -2.57 16.61 10.45
C ASP A 145 -3.35 16.69 11.76
N SER A 146 -4.02 17.82 12.02
CA SER A 146 -4.72 17.97 13.30
C SER A 146 -5.90 17.00 13.40
N SER A 147 -6.66 16.80 12.32
CA SER A 147 -7.74 15.82 12.40
C SER A 147 -7.18 14.41 12.57
N CYS A 148 -6.04 14.10 11.94
CA CYS A 148 -5.42 12.80 12.11
C CYS A 148 -5.00 12.57 13.55
N LYS A 149 -4.28 13.54 14.13
CA LYS A 149 -3.79 13.39 15.50
C LYS A 149 -4.93 13.42 16.51
N SER A 150 -6.00 14.16 16.22
CA SER A 150 -7.17 14.15 17.08
C SER A 150 -7.85 12.79 17.08
N ALA A 151 -7.86 12.11 15.94
CA ALA A 151 -8.50 10.80 15.87
C ALA A 151 -7.69 9.76 16.63
N TYR A 152 -6.36 9.89 16.65
CA TYR A 152 -5.46 8.90 17.25
C TYR A 152 -4.48 9.61 18.18
N PRO A 153 -4.97 10.18 19.27
CA PRO A 153 -4.07 10.89 20.19
C PRO A 153 -2.94 10.00 20.67
N GLY A 154 -1.73 10.55 20.64
CA GLY A 154 -0.55 9.84 21.09
C GLY A 154 0.01 8.78 20.15
N GLN A 155 -0.54 8.63 18.95
CA GLN A 155 -0.12 7.56 18.06
C GLN A 155 0.41 8.01 16.71
N ILE A 156 0.22 9.27 16.32
CA ILE A 156 0.61 9.74 14.99
C ILE A 156 1.95 10.43 15.08
N THR A 157 2.89 10.01 14.23
CA THR A 157 4.20 10.65 14.11
C THR A 157 4.25 11.41 12.80
N SER A 158 5.36 12.14 12.63
CA SER A 158 5.58 12.85 11.37
C SER A 158 5.78 11.91 10.18
N ASN A 159 5.91 10.60 10.41
CA ASN A 159 6.04 9.61 9.35
C ASN A 159 4.71 8.95 8.97
N MET A 160 3.60 9.53 9.42
CA MET A 160 2.28 9.01 9.15
C MET A 160 1.37 10.14 8.69
N PHE A 161 0.36 9.79 7.90
CA PHE A 161 -0.72 10.72 7.59
C PHE A 161 -2.02 9.94 7.52
N CYS A 162 -3.12 10.65 7.65
CA CYS A 162 -4.44 10.08 7.53
C CYS A 162 -5.07 10.47 6.21
N ALA A 163 -5.88 9.57 5.67
CA ALA A 163 -6.65 9.83 4.47
C ALA A 163 -7.98 9.10 4.60
N GLY A 164 -9.01 9.65 3.96
CA GLY A 164 -10.33 9.06 4.06
C GLY A 164 -11.39 10.05 4.42
N TYR A 165 -12.33 9.61 5.25
CA TYR A 165 -13.57 10.35 5.54
C TYR A 165 -13.92 10.17 6.99
N LEU A 166 -13.97 11.28 7.74
CA LEU A 166 -14.28 11.21 9.16
C LEU A 166 -15.69 10.67 9.43
N GLU A 167 -16.60 10.79 8.46
CA GLU A 167 -17.94 10.24 8.67
C GLU A 167 -17.97 8.72 8.61
N GLY A 168 -16.90 8.08 8.15
CA GLY A 168 -16.86 6.64 8.03
C GLY A 168 -17.46 6.16 6.72
N GLY A 169 -17.45 4.83 6.57
CA GLY A 169 -18.02 4.17 5.42
C GLY A 169 -17.07 3.86 4.29
N LYS A 170 -15.92 4.54 4.22
CA LYS A 170 -14.96 4.37 3.14
C LYS A 170 -13.55 4.36 3.73
N ASP A 171 -12.79 3.30 3.50
CA ASP A 171 -11.50 3.14 4.16
C ASP A 171 -10.77 1.95 3.56
N SER A 172 -9.46 1.87 3.84
CA SER A 172 -8.74 0.61 3.66
C SER A 172 -9.01 -0.30 4.86
N CYS A 173 -8.55 -1.56 4.78
CA CYS A 173 -8.88 -2.53 5.81
C CYS A 173 -7.85 -3.67 5.78
N GLN A 174 -8.01 -4.64 6.69
CA GLN A 174 -7.09 -5.76 6.76
C GLN A 174 -6.96 -6.44 5.40
N GLY A 175 -5.73 -6.76 5.01
CA GLY A 175 -5.43 -7.31 3.70
C GLY A 175 -5.01 -6.28 2.68
N ASP A 176 -5.27 -5.00 2.95
CA ASP A 176 -4.80 -3.91 2.10
C ASP A 176 -3.41 -3.44 2.48
N SER A 177 -2.92 -3.81 3.67
CA SER A 177 -1.66 -3.30 4.18
C SER A 177 -0.55 -3.49 3.17
N GLY A 178 0.31 -2.48 3.11
CA GLY A 178 1.43 -2.50 2.21
C GLY A 178 1.14 -1.91 0.85
N GLY A 179 -0.15 -1.75 0.50
CA GLY A 179 -0.51 -1.28 -0.80
C GLY A 179 -0.43 0.22 -0.95
N PRO A 180 -0.73 0.69 -2.17
CA PRO A 180 -0.44 2.08 -2.54
C PRO A 180 -1.53 3.07 -2.16
N VAL A 181 -1.05 4.30 -1.89
CA VAL A 181 -1.84 5.53 -1.91
C VAL A 181 -1.16 6.44 -2.94
N VAL A 182 -1.81 6.66 -4.07
CA VAL A 182 -1.24 7.43 -5.18
C VAL A 182 -2.01 8.74 -5.31
N CYS A 183 -1.26 9.84 -5.38
CA CYS A 183 -1.85 11.17 -5.44
C CYS A 183 -1.11 11.93 -6.52
N SER A 184 -1.82 12.46 -7.50
CA SER A 184 -1.18 13.24 -8.56
C SER A 184 -0.05 12.46 -9.22
N GLY A 185 -0.26 11.16 -9.40
CA GLY A 185 0.72 10.34 -10.11
C GLY A 185 1.93 9.91 -9.30
N LYS A 186 1.95 10.17 -7.99
CA LYS A 186 3.09 9.82 -7.14
C LYS A 186 2.64 8.92 -5.99
N LEU A 187 3.50 7.98 -5.62
CA LEU A 187 3.27 7.11 -4.46
C LEU A 187 3.53 7.91 -3.20
N GLN A 188 2.46 8.44 -2.58
CA GLN A 188 2.61 9.23 -1.36
C GLN A 188 2.35 8.45 -0.08
N GLY A 189 1.67 7.31 -0.15
CA GLY A 189 1.36 6.57 1.05
C GLY A 189 1.44 5.07 0.84
N ILE A 190 1.56 4.38 1.98
CA ILE A 190 1.50 2.93 2.08
C ILE A 190 0.43 2.61 3.13
N VAL A 191 -0.49 1.70 2.80
CA VAL A 191 -1.50 1.28 3.76
C VAL A 191 -0.82 0.72 5.00
N SER A 192 -1.08 1.31 6.16
CA SER A 192 -0.37 0.94 7.38
C SER A 192 -1.30 0.42 8.48
N TRP A 193 -2.19 1.24 9.03
CA TRP A 193 -3.02 0.77 10.14
C TRP A 193 -4.26 1.64 10.29
N GLY A 194 -5.12 1.26 11.24
CA GLY A 194 -6.28 2.05 11.62
C GLY A 194 -6.97 1.38 12.78
N SER A 195 -8.01 2.00 13.27
CA SER A 195 -8.84 1.40 14.31
C SER A 195 -10.11 0.87 13.66
N GLY A 196 -10.27 -0.46 13.65
CA GLY A 196 -11.31 -1.05 12.82
C GLY A 196 -11.11 -0.65 11.36
N CYS A 197 -12.22 -0.59 10.61
CA CYS A 197 -12.21 -0.14 9.23
C CYS A 197 -13.47 0.65 8.95
N ALA A 198 -13.31 1.83 8.35
CA ALA A 198 -14.43 2.65 7.91
C ALA A 198 -15.32 3.12 9.06
N GLN A 199 -14.77 3.21 10.28
CA GLN A 199 -15.52 3.70 11.42
C GLN A 199 -15.46 5.23 11.48
N LYS A 200 -16.52 5.81 12.03
CA LYS A 200 -16.57 7.25 12.19
C LYS A 200 -15.41 7.74 13.06
N ASN A 201 -14.77 8.82 12.61
CA ASN A 201 -13.69 9.50 13.35
C ASN A 201 -12.45 8.64 13.50
N LYS A 202 -12.30 7.58 12.70
N LYS A 202 -12.31 7.59 12.68
CA LYS A 202 -11.13 6.71 12.73
CA LYS A 202 -11.14 6.71 12.72
C LYS A 202 -10.69 6.45 11.30
C LYS A 202 -10.69 6.45 11.30
N PRO A 203 -10.07 7.44 10.67
CA PRO A 203 -9.64 7.28 9.27
C PRO A 203 -8.42 6.37 9.19
N GLY A 204 -8.11 5.95 7.96
CA GLY A 204 -6.92 5.14 7.75
C GLY A 204 -5.66 5.94 7.99
N VAL A 205 -4.64 5.25 8.48
CA VAL A 205 -3.30 5.79 8.72
C VAL A 205 -2.33 5.16 7.72
N TYR A 206 -1.49 6.00 7.11
CA TYR A 206 -0.65 5.62 5.99
C TYR A 206 0.78 6.08 6.26
N THR A 207 1.74 5.27 5.83
CA THR A 207 3.14 5.69 5.93
C THR A 207 3.39 6.82 4.95
N LYS A 208 4.10 7.85 5.40
CA LYS A 208 4.32 9.08 4.63
C LYS A 208 5.56 8.91 3.76
N VAL A 209 5.34 8.41 2.54
CA VAL A 209 6.44 7.99 1.65
C VAL A 209 7.39 9.14 1.34
N CYS A 210 6.89 10.38 1.24
CA CYS A 210 7.78 11.48 0.86
C CYS A 210 8.94 11.66 1.84
N ASN A 211 8.81 11.20 3.09
CA ASN A 211 9.92 11.29 4.03
C ASN A 211 11.02 10.29 3.73
N TYR A 212 10.75 9.29 2.87
CA TYR A 212 11.64 8.16 2.67
C TYR A 212 12.29 8.13 1.30
N VAL A 213 12.07 9.13 0.45
CA VAL A 213 12.54 9.01 -0.94
C VAL A 213 14.06 8.88 -0.99
N SER A 214 14.78 9.67 -0.20
CA SER A 214 16.25 9.55 -0.20
C SER A 214 16.68 8.17 0.26
N TRP A 215 16.07 7.64 1.32
CA TRP A 215 16.41 6.30 1.78
C TRP A 215 16.11 5.26 0.70
N ILE A 216 14.95 5.37 0.04
CA ILE A 216 14.61 4.41 -1.01
C ILE A 216 15.65 4.44 -2.12
N LYS A 217 15.95 5.63 -2.62
CA LYS A 217 16.86 5.75 -3.77
C LYS A 217 18.26 5.27 -3.42
N GLN A 218 18.75 5.65 -2.24
CA GLN A 218 20.09 5.20 -1.84
C GLN A 218 20.13 3.71 -1.61
N THR A 219 19.10 3.15 -0.97
CA THR A 219 19.08 1.72 -0.68
C THR A 219 19.05 0.91 -1.97
N ILE A 220 18.18 1.29 -2.90
N ILE A 220 18.19 1.30 -2.92
CA ILE A 220 18.11 0.58 -4.18
CA ILE A 220 18.13 0.52 -4.15
C ILE A 220 19.46 0.67 -4.90
C ILE A 220 19.41 0.68 -4.97
N ALA A 221 20.05 1.85 -4.92
CA ALA A 221 21.29 2.04 -5.66
C ALA A 221 22.44 1.22 -5.10
N SER A 222 22.37 0.82 -3.83
CA SER A 222 23.43 0.08 -3.17
C SER A 222 23.11 -1.41 -3.00
N ASN A 223 22.00 -1.89 -3.54
CA ASN A 223 21.57 -3.27 -3.32
C ASN A 223 21.07 -3.89 -4.61
CA CA B . -4.95 -13.65 -11.41
C4 TP5 C . -6.90 -1.35 8.95
S1 TP5 C . -5.69 -2.53 8.78
C5 TP5 C . -4.78 -1.62 7.64
C3 TP5 C . -5.44 -0.42 7.41
C1 TP5 C . -6.66 -0.26 8.17
C2 TP5 C . -7.54 0.88 8.09
N2 TP5 C . -7.29 1.83 7.23
N1 TP5 C . -8.60 0.95 8.86
S SO4 D . -3.17 -6.11 8.32
O1 SO4 D . -3.25 -5.21 9.47
O2 SO4 D . -3.82 -5.48 7.19
O3 SO4 D . -1.76 -6.29 7.94
O4 SO4 D . -3.83 -7.37 8.64
C1 EDO E . 15.40 -3.49 10.64
O1 EDO E . 15.77 -2.10 10.71
C2 EDO E . 14.73 -3.96 11.92
O2 EDO E . 15.44 -3.58 13.09
C1 EDO F . 0.80 -17.29 -14.05
O1 EDO F . 0.53 -17.86 -15.34
C2 EDO F . 2.08 -16.47 -14.08
O2 EDO F . 3.21 -17.32 -14.34
#